data_4AA9
#
_entry.id   4AA9
#
_cell.length_a   53.310
_cell.length_b   66.110
_cell.length_c   133.740
_cell.angle_alpha   90.00
_cell.angle_beta   90.00
_cell.angle_gamma   90.00
#
_symmetry.space_group_name_H-M   'P 21 21 21'
#
loop_
_entity.id
_entity.type
_entity.pdbx_description
1 polymer CHYMOSIN
2 non-polymer 2-acetamido-2-deoxy-beta-D-glucopyranose
3 non-polymer 'SULFATE ION'
4 non-polymer GLYCEROL
5 water water
#
_entity_poly.entity_id   1
_entity_poly.type   'polypeptide(L)'
_entity_poly.pdbx_seq_one_letter_code
;AREPLTSYLDSQYFGKIYIGTPPQEFTVVFDTGSSDLWVPSIYCKSNVCKNHHRFDPRKSSTFRNLGKPLSIHYGTGSME
GFLGYDTVTVSNIVDPNQTVGLSTEQPGEVFTYSEFDGILGLAYPSLASEYSVPVFDNMMDRHLVARDLFSVYMDRNGQG
SMLTLGAIDPSYYTGSLHWVPVTLQQYWQFTVDSVTINGVAVACVGGCQAILDTGTSVLFGPSSDILKIQMAIGATENRY
GEFDVNCGNLRSMPTVVFEINGRDYPLSPSAYTSKDQGFCTSGFQGDNNSELWILGDVFIREYYSVFDRANNRVGLAKAI
;
_entity_poly.pdbx_strand_id   A
#
loop_
_chem_comp.id
_chem_comp.type
_chem_comp.name
_chem_comp.formula
GOL non-polymer GLYCEROL 'C3 H8 O3'
NAG D-saccharide, beta linking 2-acetamido-2-deoxy-beta-D-glucopyranose 'C8 H15 N O6'
SO4 non-polymer 'SULFATE ION' 'O4 S -2'
#
# COMPACT_ATOMS: atom_id res chain seq x y z
N TYR A 8 4.95 -7.65 0.01
CA TYR A 8 3.89 -6.65 -0.18
C TYR A 8 4.37 -5.29 0.28
N LEU A 9 5.68 -5.07 0.19
CA LEU A 9 6.27 -3.81 0.62
C LEU A 9 7.26 -3.27 -0.40
N ASP A 10 7.03 -3.58 -1.66
CA ASP A 10 7.98 -3.21 -2.70
C ASP A 10 7.56 -2.00 -3.52
N SER A 11 6.48 -1.35 -3.11
CA SER A 11 6.04 -0.20 -3.86
C SER A 11 7.04 0.93 -3.61
N GLN A 12 6.91 2.02 -4.34
CA GLN A 12 7.80 3.14 -4.08
C GLN A 12 7.00 4.27 -3.44
N TYR A 13 5.86 3.91 -2.85
CA TYR A 13 5.01 4.91 -2.20
C TYR A 13 5.57 5.22 -0.81
N PHE A 14 6.66 6.00 -0.82
CA PHE A 14 7.38 6.46 0.38
C PHE A 14 7.03 7.88 0.71
N GLY A 15 7.44 8.29 1.91
CA GLY A 15 7.39 9.69 2.27
C GLY A 15 8.35 9.91 3.41
N LYS A 16 8.78 11.15 3.59
CA LYS A 16 9.53 11.53 4.77
C LYS A 16 8.58 11.86 5.91
N ILE A 17 8.90 11.36 7.09
CA ILE A 17 8.22 11.77 8.31
C ILE A 17 9.25 12.21 9.34
N TYR A 18 8.78 12.89 10.38
CA TYR A 18 9.67 13.43 11.39
C TYR A 18 9.17 13.05 12.75
N ILE A 19 10.08 12.57 13.60
CA ILE A 19 9.70 12.06 14.91
C ILE A 19 10.59 12.70 15.96
N GLY A 20 9.97 13.18 17.03
CA GLY A 20 10.71 13.63 18.21
C GLY A 20 11.01 15.11 18.25
N THR A 21 11.63 15.54 19.35
CA THR A 21 11.97 16.95 19.56
C THR A 21 13.43 17.08 19.99
N PRO A 22 14.30 17.63 19.12
CA PRO A 22 14.01 18.09 17.76
C PRO A 22 13.72 16.92 16.83
N PRO A 23 13.19 17.21 15.65
CA PRO A 23 12.76 16.11 14.77
C PRO A 23 13.90 15.29 14.19
N GLN A 24 13.70 13.97 14.19
CA GLN A 24 14.58 13.06 13.50
C GLN A 24 13.81 12.55 12.28
N GLU A 25 14.47 12.56 11.11
CA GLU A 25 13.80 12.24 9.86
C GLU A 25 13.90 10.76 9.49
N PHE A 26 12.81 10.23 8.95
CA PHE A 26 12.77 8.86 8.45
C PHE A 26 12.01 8.79 7.14
N THR A 27 12.38 7.84 6.29
CA THR A 27 11.60 7.49 5.12
C THR A 27 10.77 6.27 5.45
N VAL A 28 9.47 6.35 5.19
CA VAL A 28 8.60 5.22 5.47
C VAL A 28 7.74 4.90 4.27
N VAL A 29 7.39 3.63 4.12
CA VAL A 29 6.37 3.27 3.15
CA VAL A 29 6.35 3.24 3.18
C VAL A 29 4.99 3.54 3.78
N PHE A 30 4.14 4.24 3.03
CA PHE A 30 2.78 4.48 3.51
C PHE A 30 1.95 3.30 3.05
N ASP A 31 1.50 2.48 3.99
CA ASP A 31 1.00 1.14 3.69
C ASP A 31 -0.46 0.95 4.10
N THR A 32 -1.37 0.97 3.13
CA THR A 32 -2.76 0.78 3.46
C THR A 32 -3.08 -0.68 3.76
N GLY A 33 -2.07 -1.54 3.62
CA GLY A 33 -2.23 -2.95 3.98
C GLY A 33 -1.82 -3.33 5.39
N SER A 34 -1.50 -2.35 6.24
CA SER A 34 -1.14 -2.61 7.62
C SER A 34 -1.49 -1.41 8.46
N SER A 35 -1.26 -1.48 9.78
CA SER A 35 -1.77 -0.44 10.66
C SER A 35 -0.80 0.13 11.68
N ASP A 36 0.40 -0.44 11.76
CA ASP A 36 1.37 0.02 12.75
C ASP A 36 2.36 1.01 12.17
N LEU A 37 2.83 1.92 13.03
CA LEU A 37 3.97 2.77 12.69
C LEU A 37 5.21 2.27 13.42
N TRP A 38 6.28 2.01 12.68
CA TRP A 38 7.56 1.74 13.34
C TRP A 38 8.74 2.20 12.49
N VAL A 39 9.84 2.50 13.16
CA VAL A 39 11.10 2.83 12.48
C VAL A 39 12.22 2.13 13.25
N PRO A 40 13.41 2.06 12.64
CA PRO A 40 14.51 1.45 13.40
C PRO A 40 14.95 2.32 14.57
N SER A 41 15.42 1.69 15.64
CA SER A 41 15.99 2.44 16.76
C SER A 41 17.51 2.32 16.79
N ILE A 42 18.12 3.23 17.54
CA ILE A 42 19.57 3.25 17.68
C ILE A 42 20.08 1.97 18.33
N TYR A 43 19.17 1.23 18.97
CA TYR A 43 19.55 -0.02 19.65
C TYR A 43 19.54 -1.24 18.75
N CYS A 44 19.10 -1.08 17.50
CA CYS A 44 19.30 -2.10 16.48
C CYS A 44 20.68 -1.86 15.86
N LYS A 45 21.58 -2.84 16.00
CA LYS A 45 22.97 -2.63 15.62
C LYS A 45 23.42 -3.44 14.41
N SER A 46 22.48 -4.05 13.70
CA SER A 46 22.80 -4.84 12.52
C SER A 46 23.22 -3.93 11.35
N ASN A 47 23.81 -4.51 10.32
CA ASN A 47 24.19 -3.73 9.14
C ASN A 47 23.01 -3.04 8.50
N VAL A 48 21.90 -3.76 8.36
CA VAL A 48 20.73 -3.16 7.74
C VAL A 48 20.33 -1.92 8.55
N CYS A 49 20.28 -2.07 9.87
CA CYS A 49 19.88 -0.96 10.74
C CYS A 49 20.91 0.18 10.75
N LYS A 50 22.18 -0.18 10.87
CA LYS A 50 23.24 0.83 10.93
C LYS A 50 23.28 1.69 9.67
N ASN A 51 22.84 1.13 8.55
CA ASN A 51 22.89 1.85 7.29
C ASN A 51 21.54 2.43 6.86
N HIS A 52 20.61 2.46 7.82
CA HIS A 52 19.36 3.19 7.69
C HIS A 52 19.31 4.29 8.75
N HIS A 53 18.30 5.14 8.69
CA HIS A 53 18.09 6.10 9.77
C HIS A 53 17.58 5.38 11.01
N ARG A 54 18.13 5.74 12.17
CA ARG A 54 17.74 5.12 13.43
C ARG A 54 17.32 6.17 14.46
N PHE A 55 16.19 5.94 15.10
CA PHE A 55 15.67 6.88 16.08
C PHE A 55 16.40 6.71 17.41
N ASP A 56 16.94 7.80 17.93
CA ASP A 56 17.57 7.78 19.25
C ASP A 56 16.65 8.48 20.25
N PRO A 57 15.96 7.70 21.10
CA PRO A 57 15.01 8.34 22.03
C PRO A 57 15.68 9.27 23.04
N ARG A 58 16.96 9.04 23.32
CA ARG A 58 17.66 9.86 24.30
C ARG A 58 17.77 11.30 23.84
N LYS A 59 17.69 11.52 22.52
CA LYS A 59 17.81 12.83 21.91
C LYS A 59 16.49 13.57 21.75
N SER A 60 15.38 12.93 22.15
CA SER A 60 14.06 13.54 22.05
C SER A 60 13.44 13.87 23.40
N SER A 61 13.16 15.15 23.62
CA SER A 61 12.62 15.59 24.91
C SER A 61 11.15 15.19 25.11
N THR A 62 10.48 14.83 24.02
CA THR A 62 9.06 14.48 24.10
C THR A 62 8.83 12.96 24.12
N PHE A 63 9.91 12.18 24.03
CA PHE A 63 9.77 10.73 24.03
C PHE A 63 9.32 10.19 25.38
N ARG A 64 8.38 9.25 25.37
CA ARG A 64 8.01 8.54 26.59
C ARG A 64 7.94 7.05 26.28
N ASN A 65 8.59 6.25 27.13
CA ASN A 65 8.62 4.81 26.93
C ASN A 65 7.30 4.20 27.43
N LEU A 66 6.65 3.39 26.60
CA LEU A 66 5.35 2.83 26.95
C LEU A 66 5.45 1.58 27.83
N GLY A 67 6.63 0.97 27.85
CA GLY A 67 6.78 -0.31 28.53
C GLY A 67 6.00 -1.44 27.88
N LYS A 68 5.95 -1.42 26.55
CA LYS A 68 5.21 -2.41 25.77
C LYS A 68 6.04 -2.83 24.56
N PRO A 69 6.05 -4.14 24.26
CA PRO A 69 6.83 -4.62 23.12
C PRO A 69 6.02 -4.60 21.83
N LEU A 70 6.73 -4.78 20.73
CA LEU A 70 6.14 -4.93 19.41
C LEU A 70 6.85 -6.06 18.68
N SER A 71 6.09 -6.91 17.99
CA SER A 71 6.69 -7.93 17.16
C SER A 71 5.81 -8.12 15.94
N ILE A 72 6.40 -7.99 14.76
CA ILE A 72 5.63 -8.14 13.52
C ILE A 72 6.35 -9.08 12.58
N HIS A 73 5.62 -10.02 11.99
CA HIS A 73 6.25 -10.92 11.04
C HIS A 73 5.86 -10.58 9.62
N TYR A 74 6.83 -10.65 8.72
CA TYR A 74 6.58 -10.43 7.31
C TYR A 74 6.88 -11.72 6.55
N GLY A 75 6.45 -11.79 5.29
CA GLY A 75 6.67 -12.98 4.50
C GLY A 75 8.15 -13.36 4.50
N THR A 76 8.99 -12.36 4.29
CA THR A 76 10.43 -12.59 4.22
C THR A 76 11.19 -11.78 5.25
N GLY A 77 10.70 -11.79 6.49
CA GLY A 77 11.42 -11.18 7.60
C GLY A 77 10.52 -10.88 8.79
N SER A 78 11.09 -10.28 9.81
CA SER A 78 10.32 -9.89 10.99
C SER A 78 11.02 -8.74 11.68
N MET A 79 10.29 -8.09 12.57
CA MET A 79 10.88 -7.04 13.39
C MET A 79 10.46 -7.26 14.83
N GLU A 80 11.38 -7.00 15.74
CA GLU A 80 11.04 -6.93 17.15
C GLU A 80 11.48 -5.58 17.63
N GLY A 81 10.76 -5.06 18.62
CA GLY A 81 11.08 -3.74 19.13
C GLY A 81 10.25 -3.35 20.32
N PHE A 82 10.29 -2.07 20.64
CA PHE A 82 9.60 -1.55 21.80
C PHE A 82 8.77 -0.35 21.38
N LEU A 83 7.74 -0.02 22.16
CA LEU A 83 6.86 1.10 21.83
C LEU A 83 7.15 2.32 22.68
N GLY A 84 7.16 3.49 22.05
CA GLY A 84 7.25 4.74 22.80
C GLY A 84 6.19 5.71 22.28
N TYR A 85 5.93 6.79 23.02
CA TYR A 85 5.11 7.90 22.52
C TYR A 85 6.05 9.00 22.09
N ASP A 86 5.74 9.65 20.97
CA ASP A 86 6.44 10.87 20.62
C ASP A 86 5.60 11.65 19.63
N THR A 87 6.07 12.83 19.27
CA THR A 87 5.40 13.62 18.23
C THR A 87 5.88 13.20 16.85
N VAL A 88 4.92 12.94 15.97
CA VAL A 88 5.22 12.52 14.60
C VAL A 88 4.58 13.51 13.64
N THR A 89 5.37 14.00 12.69
CA THR A 89 4.84 14.90 11.66
C THR A 89 4.79 14.20 10.31
N VAL A 90 3.61 14.23 9.69
CA VAL A 90 3.39 13.58 8.39
C VAL A 90 2.54 14.49 7.51
N SER A 91 2.97 14.73 6.27
CA SER A 91 2.12 15.48 5.35
C SER A 91 1.51 16.72 6.00
N ASN A 92 2.33 17.51 6.69
CA ASN A 92 1.87 18.77 7.31
C ASN A 92 0.91 18.66 8.51
N ILE A 93 0.71 17.44 8.99
CA ILE A 93 -0.07 17.23 10.20
C ILE A 93 0.89 16.89 11.33
N VAL A 94 0.80 17.61 12.44
CA VAL A 94 1.65 17.33 13.60
C VAL A 94 0.85 16.52 14.60
N ASP A 95 1.31 15.29 14.85
CA ASP A 95 0.55 14.27 15.57
C ASP A 95 1.25 13.94 16.89
N PRO A 96 0.77 14.51 18.00
CA PRO A 96 1.45 14.33 19.28
C PRO A 96 1.03 13.04 19.98
N ASN A 97 1.82 12.61 20.96
CA ASN A 97 1.43 11.47 21.80
C ASN A 97 1.08 10.26 20.92
N GLN A 98 1.90 10.05 19.90
CA GLN A 98 1.68 8.98 18.91
C GLN A 98 2.52 7.77 19.29
N THR A 99 1.92 6.58 19.33
CA THR A 99 2.74 5.39 19.55
C THR A 99 3.67 5.17 18.35
N VAL A 100 4.94 4.92 18.65
CA VAL A 100 5.92 4.62 17.61
C VAL A 100 6.63 3.32 17.98
N GLY A 101 6.59 2.35 17.07
CA GLY A 101 7.38 1.15 17.25
C GLY A 101 8.84 1.45 16.94
N LEU A 102 9.74 0.87 17.73
CA LEU A 102 11.15 1.17 17.59
C LEU A 102 11.93 -0.13 17.54
N SER A 103 12.49 -0.45 16.39
CA SER A 103 13.07 -1.79 16.21
C SER A 103 14.36 -1.99 17.00
N THR A 104 14.53 -3.20 17.54
CA THR A 104 15.79 -3.61 18.13
C THR A 104 16.40 -4.76 17.32
N GLU A 105 15.55 -5.45 16.55
CA GLU A 105 16.05 -6.38 15.54
C GLU A 105 15.17 -6.40 14.29
N GLN A 106 15.80 -6.62 13.13
CA GLN A 106 15.07 -6.68 11.86
C GLN A 106 15.61 -7.73 10.92
N PRO A 107 15.53 -9.00 11.32
CA PRO A 107 15.99 -10.06 10.39
C PRO A 107 15.13 -10.16 9.13
N GLY A 108 15.75 -10.53 8.01
CA GLY A 108 14.98 -10.84 6.82
C GLY A 108 15.37 -10.06 5.58
N GLU A 109 15.22 -10.71 4.43
CA GLU A 109 15.59 -10.10 3.17
C GLU A 109 14.73 -8.89 2.84
N VAL A 110 13.52 -8.83 3.39
CA VAL A 110 12.65 -7.72 3.04
C VAL A 110 13.34 -6.39 3.35
N PHE A 111 14.04 -6.32 4.48
CA PHE A 111 14.65 -5.06 4.89
C PHE A 111 15.96 -4.80 4.16
N THR A 112 16.65 -5.87 3.78
CA THR A 112 17.88 -5.75 3.02
C THR A 112 17.62 -5.09 1.68
N TYR A 113 16.48 -5.43 1.08
CA TYR A 113 16.22 -5.01 -0.29
C TYR A 113 15.22 -3.86 -0.42
N SER A 114 14.80 -3.31 0.72
CA SER A 114 13.87 -2.19 0.73
C SER A 114 14.59 -0.89 1.06
N GLU A 115 14.21 0.21 0.39
CA GLU A 115 14.88 1.47 0.60
C GLU A 115 14.34 2.25 1.81
N PHE A 116 13.12 1.91 2.23
CA PHE A 116 12.53 2.62 3.37
C PHE A 116 13.21 2.29 4.69
N ASP A 117 13.13 3.22 5.64
CA ASP A 117 13.59 2.97 7.00
C ASP A 117 12.52 2.18 7.77
N GLY A 118 11.26 2.61 7.65
CA GLY A 118 10.20 2.02 8.43
C GLY A 118 8.89 1.99 7.68
N ILE A 119 7.80 1.70 8.40
CA ILE A 119 6.48 1.53 7.78
C ILE A 119 5.48 2.36 8.55
N LEU A 120 4.59 3.02 7.82
CA LEU A 120 3.48 3.72 8.44
C LEU A 120 2.17 3.13 7.91
N GLY A 121 1.51 2.33 8.73
CA GLY A 121 0.28 1.66 8.31
C GLY A 121 -0.92 2.58 8.34
N LEU A 122 -1.80 2.42 7.36
CA LEU A 122 -2.98 3.28 7.18
C LEU A 122 -4.28 2.49 7.17
N ALA A 123 -4.23 1.20 7.56
CA ALA A 123 -5.44 0.39 7.64
C ALA A 123 -6.17 0.55 8.99
N TYR A 124 -7.16 -0.31 9.24
CA TYR A 124 -8.02 -0.15 10.42
C TYR A 124 -7.34 -0.61 11.70
N PRO A 125 -7.79 -0.10 12.86
CA PRO A 125 -7.12 -0.45 14.11
C PRO A 125 -7.24 -1.93 14.47
N SER A 126 -8.20 -2.64 13.88
CA SER A 126 -8.33 -4.07 14.10
C SER A 126 -7.07 -4.82 13.68
N LEU A 127 -6.28 -4.25 12.77
CA LEU A 127 -5.03 -4.88 12.36
C LEU A 127 -3.80 -4.37 13.10
N ALA A 128 -3.99 -3.40 13.99
CA ALA A 128 -2.85 -2.86 14.73
C ALA A 128 -2.38 -3.88 15.74
N SER A 129 -1.08 -3.86 16.02
CA SER A 129 -0.54 -4.70 17.06
C SER A 129 -1.06 -4.26 18.42
N GLU A 130 -1.01 -5.15 19.40
CA GLU A 130 -1.44 -4.77 20.73
C GLU A 130 -0.62 -3.55 21.19
N TYR A 131 -1.29 -2.60 21.82
CA TYR A 131 -0.66 -1.40 22.39
C TYR A 131 -0.25 -0.36 21.37
N SER A 132 -0.46 -0.68 20.08
CA SER A 132 -0.11 0.23 18.99
C SER A 132 -1.36 0.94 18.49
N VAL A 133 -1.26 2.25 18.31
CA VAL A 133 -2.37 3.04 17.80
C VAL A 133 -2.02 3.55 16.39
N PRO A 134 -2.86 3.24 15.39
CA PRO A 134 -2.50 3.70 14.04
C PRO A 134 -2.41 5.22 13.97
N VAL A 135 -1.47 5.73 13.20
CA VAL A 135 -1.28 7.17 13.07
C VAL A 135 -2.56 7.91 12.70
N PHE A 136 -3.27 7.44 11.67
CA PHE A 136 -4.46 8.17 11.25
C PHE A 136 -5.57 8.12 12.30
N ASP A 137 -5.66 7.02 13.03
CA ASP A 137 -6.57 6.96 14.16
C ASP A 137 -6.25 8.00 15.25
N ASN A 138 -4.98 8.15 15.60
CA ASN A 138 -4.61 9.14 16.59
C ASN A 138 -4.95 10.53 16.06
N MET A 139 -4.71 10.76 14.77
CA MET A 139 -5.03 12.07 14.19
C MET A 139 -6.53 12.34 14.23
N MET A 140 -7.35 11.34 13.90
CA MET A 140 -8.80 11.50 13.97
C MET A 140 -9.24 11.75 15.40
N ASP A 141 -8.67 10.99 16.34
CA ASP A 141 -9.07 11.07 17.75
C ASP A 141 -8.79 12.44 18.34
N ARG A 142 -7.70 13.04 17.89
CA ARG A 142 -7.29 14.36 18.39
C ARG A 142 -7.85 15.49 17.54
N HIS A 143 -8.57 15.15 16.49
CA HIS A 143 -9.21 16.14 15.61
C HIS A 143 -8.23 17.03 14.87
N LEU A 144 -7.17 16.40 14.36
CA LEU A 144 -6.10 17.12 13.67
C LEU A 144 -6.25 17.10 12.15
N VAL A 145 -7.30 16.45 11.66
CA VAL A 145 -7.60 16.39 10.23
C VAL A 145 -8.95 17.01 9.90
N ALA A 146 -9.02 17.66 8.75
CA ALA A 146 -10.24 18.38 8.38
C ALA A 146 -11.42 17.43 8.18
N ARG A 147 -11.16 16.28 7.55
CA ARG A 147 -12.18 15.23 7.38
C ARG A 147 -11.52 13.92 7.75
N ASP A 148 -12.34 12.93 8.13
CA ASP A 148 -11.81 11.62 8.54
C ASP A 148 -11.58 10.74 7.32
N LEU A 149 -10.74 11.23 6.42
CA LEU A 149 -10.36 10.49 5.22
C LEU A 149 -8.97 10.90 4.80
N PHE A 150 -8.34 10.08 3.95
CA PHE A 150 -7.10 10.48 3.32
C PHE A 150 -7.11 10.01 1.87
N SER A 151 -6.28 10.65 1.05
CA SER A 151 -6.30 10.43 -0.39
C SER A 151 -4.91 10.13 -0.93
N VAL A 152 -4.86 9.20 -1.88
CA VAL A 152 -3.61 8.69 -2.40
C VAL A 152 -3.51 8.89 -3.91
N TYR A 153 -2.47 9.59 -4.33
CA TYR A 153 -2.13 9.72 -5.74
C TYR A 153 -0.75 9.08 -5.99
N MET A 154 -0.69 8.20 -6.98
CA MET A 154 0.60 7.66 -7.40
C MET A 154 0.82 8.02 -8.86
N ASP A 155 1.91 8.72 -9.15
CA ASP A 155 2.17 9.13 -10.53
C ASP A 155 2.58 7.94 -11.39
N ARG A 156 1.91 7.77 -12.53
CA ARG A 156 2.14 6.63 -13.40
C ARG A 156 3.60 6.48 -13.80
N ASN A 157 4.32 7.60 -13.85
CA ASN A 157 5.71 7.60 -14.26
C ASN A 157 6.69 8.02 -13.17
N GLY A 158 7.24 7.02 -12.47
CA GLY A 158 8.34 7.25 -11.56
C GLY A 158 7.98 7.70 -10.17
N GLN A 159 7.89 6.73 -9.25
CA GLN A 159 7.78 7.00 -7.82
C GLN A 159 6.96 8.24 -7.48
N GLY A 160 5.66 8.07 -7.35
CA GLY A 160 4.78 9.17 -6.99
C GLY A 160 3.64 8.73 -6.09
N SER A 161 3.05 9.68 -5.38
CA SER A 161 3.42 11.08 -5.51
C SER A 161 2.86 11.87 -4.35
N MET A 162 1.65 11.54 -3.88
CA MET A 162 1.04 12.34 -2.82
C MET A 162 0.15 11.56 -1.84
N LEU A 163 0.32 11.86 -0.56
CA LEU A 163 -0.59 11.42 0.49
C LEU A 163 -1.21 12.67 1.10
N THR A 164 -2.52 12.79 0.97
CA THR A 164 -3.22 13.96 1.51
C THR A 164 -4.05 13.55 2.70
N LEU A 165 -3.68 14.01 3.89
CA LEU A 165 -4.38 13.60 5.10
C LEU A 165 -5.51 14.57 5.44
N GLY A 166 -6.74 14.06 5.41
CA GLY A 166 -7.88 14.83 5.86
C GLY A 166 -8.57 15.62 4.75
N ALA A 167 -8.15 15.37 3.51
CA ALA A 167 -8.74 16.05 2.36
C ALA A 167 -8.64 15.23 1.08
N ILE A 168 -9.47 15.63 0.12
CA ILE A 168 -9.46 15.12 -1.25
C ILE A 168 -8.94 16.25 -2.11
N ASP A 169 -7.97 15.95 -2.98
CA ASP A 169 -7.38 16.97 -3.84
C ASP A 169 -7.82 16.74 -5.28
N PRO A 170 -8.80 17.53 -5.74
CA PRO A 170 -9.42 17.31 -7.06
C PRO A 170 -8.44 17.49 -8.22
N SER A 171 -7.29 18.10 -7.97
CA SER A 171 -6.31 18.33 -9.04
C SER A 171 -5.72 17.02 -9.55
N TYR A 172 -5.91 15.94 -8.80
CA TYR A 172 -5.28 14.67 -9.15
C TYR A 172 -6.17 13.72 -9.94
N TYR A 173 -7.42 14.12 -10.20
CA TYR A 173 -8.30 13.25 -10.96
C TYR A 173 -9.19 14.00 -11.95
N THR A 174 -9.74 13.24 -12.89
CA THR A 174 -10.74 13.77 -13.82
C THR A 174 -12.02 12.98 -13.64
N GLY A 175 -13.11 13.48 -14.19
CA GLY A 175 -14.39 12.82 -14.03
C GLY A 175 -14.88 12.92 -12.60
N SER A 176 -15.73 11.99 -12.19
CA SER A 176 -16.30 12.04 -10.85
C SER A 176 -15.75 10.94 -9.95
N LEU A 177 -15.81 11.18 -8.65
CA LEU A 177 -15.43 10.21 -7.64
C LEU A 177 -16.61 9.28 -7.42
N HIS A 178 -16.35 7.97 -7.43
CA HIS A 178 -17.40 7.01 -7.13
C HIS A 178 -17.01 6.15 -5.95
N TRP A 179 -18.00 5.83 -5.13
CA TRP A 179 -17.77 5.25 -3.81
C TRP A 179 -18.14 3.76 -3.73
N VAL A 180 -17.36 3.01 -2.97
CA VAL A 180 -17.58 1.58 -2.78
C VAL A 180 -17.52 1.28 -1.28
N PRO A 181 -18.54 0.63 -0.72
CA PRO A 181 -18.54 0.39 0.72
C PRO A 181 -17.46 -0.62 1.13
N VAL A 182 -16.81 -0.38 2.25
CA VAL A 182 -15.91 -1.37 2.82
C VAL A 182 -16.73 -2.56 3.33
N THR A 183 -16.26 -3.78 3.03
CA THR A 183 -17.00 -4.96 3.48
C THR A 183 -16.55 -5.49 4.84
N LEU A 184 -15.24 -5.51 5.06
CA LEU A 184 -14.66 -5.96 6.31
C LEU A 184 -13.64 -4.92 6.73
N GLN A 185 -13.85 -4.32 7.89
CA GLN A 185 -13.03 -3.20 8.37
C GLN A 185 -11.77 -3.67 9.06
N GLN A 186 -10.81 -4.13 8.26
CA GLN A 186 -9.50 -4.56 8.74
C GLN A 186 -8.50 -4.00 7.73
N TYR A 187 -8.40 -4.64 6.57
CA TYR A 187 -7.84 -4.00 5.39
C TYR A 187 -8.90 -3.06 4.83
N TRP A 188 -8.52 -2.28 3.83
CA TRP A 188 -9.48 -1.50 3.05
C TRP A 188 -10.05 -2.47 2.01
N GLN A 189 -11.00 -3.27 2.47
CA GLN A 189 -11.51 -4.40 1.70
C GLN A 189 -12.91 -4.13 1.16
N PHE A 190 -13.17 -4.60 -0.05
CA PHE A 190 -14.48 -4.40 -0.67
C PHE A 190 -14.73 -5.49 -1.69
N THR A 191 -15.93 -5.51 -2.25
CA THR A 191 -16.30 -6.49 -3.26
C THR A 191 -15.96 -6.00 -4.66
N VAL A 192 -15.33 -6.89 -5.43
CA VAL A 192 -15.16 -6.68 -6.86
C VAL A 192 -16.17 -7.63 -7.52
N ASP A 193 -16.92 -7.11 -8.47
CA ASP A 193 -18.04 -7.87 -9.05
C ASP A 193 -17.61 -8.86 -10.14
N SER A 194 -16.60 -8.47 -10.90
CA SER A 194 -16.14 -9.27 -12.03
C SER A 194 -14.85 -8.71 -12.56
N VAL A 195 -14.09 -9.55 -13.25
CA VAL A 195 -12.95 -9.11 -14.04
C VAL A 195 -13.17 -9.67 -15.44
N THR A 196 -13.47 -8.79 -16.37
CA THR A 196 -13.73 -9.23 -17.75
C THR A 196 -12.66 -8.74 -18.72
N ILE A 197 -12.43 -9.53 -19.77
CA ILE A 197 -11.47 -9.18 -20.79
C ILE A 197 -12.09 -9.55 -22.12
N ASN A 198 -12.10 -8.60 -23.07
CA ASN A 198 -12.74 -8.83 -24.36
C ASN A 198 -14.24 -9.14 -24.20
N GLY A 199 -14.84 -8.60 -23.15
CA GLY A 199 -16.28 -8.73 -22.95
C GLY A 199 -16.76 -10.08 -22.43
N VAL A 200 -15.85 -10.89 -21.91
CA VAL A 200 -16.23 -12.16 -21.32
C VAL A 200 -15.64 -12.33 -19.93
N ALA A 201 -16.31 -13.14 -19.12
CA ALA A 201 -15.90 -13.40 -17.75
C ALA A 201 -14.59 -14.18 -17.76
N VAL A 202 -13.59 -13.66 -17.04
CA VAL A 202 -12.33 -14.39 -16.97
C VAL A 202 -11.96 -14.74 -15.53
N ALA A 203 -12.07 -13.77 -14.63
CA ALA A 203 -11.69 -13.96 -13.24
C ALA A 203 -12.71 -13.30 -12.34
N CYS A 204 -12.64 -13.60 -11.04
CA CYS A 204 -13.59 -13.05 -10.10
CA CYS A 204 -13.59 -13.03 -10.10
C CYS A 204 -15.00 -13.30 -10.58
N VAL A 205 -15.23 -14.51 -11.09
CA VAL A 205 -16.54 -14.84 -11.62
C VAL A 205 -17.51 -15.07 -10.47
N GLY A 206 -18.54 -14.24 -10.42
CA GLY A 206 -19.50 -14.30 -9.34
C GLY A 206 -19.11 -13.36 -8.22
N GLY A 207 -18.07 -12.58 -8.44
CA GLY A 207 -17.57 -11.64 -7.44
C GLY A 207 -16.48 -12.20 -6.55
N CYS A 208 -15.77 -11.30 -5.86
CA CYS A 208 -14.65 -11.70 -5.01
C CYS A 208 -14.33 -10.55 -4.07
N GLN A 209 -13.44 -10.81 -3.12
CA GLN A 209 -12.99 -9.79 -2.17
C GLN A 209 -11.63 -9.23 -2.59
N ALA A 210 -11.48 -7.91 -2.50
CA ALA A 210 -10.23 -7.24 -2.85
C ALA A 210 -9.87 -6.22 -1.78
N ILE A 211 -8.60 -5.85 -1.74
CA ILE A 211 -8.15 -4.72 -0.92
C ILE A 211 -7.36 -3.74 -1.76
N LEU A 212 -7.37 -2.48 -1.37
CA LEU A 212 -6.46 -1.51 -1.98
C LEU A 212 -5.22 -1.42 -1.11
N ASP A 213 -4.06 -1.79 -1.67
CA ASP A 213 -2.83 -1.93 -0.89
C ASP A 213 -1.67 -1.13 -1.49
N THR A 214 -1.43 0.05 -0.93
CA THR A 214 -0.39 0.94 -1.44
C THR A 214 1.02 0.41 -1.25
N GLY A 215 1.19 -0.59 -0.39
CA GLY A 215 2.50 -1.16 -0.13
C GLY A 215 3.00 -2.09 -1.23
N THR A 216 2.06 -2.57 -2.06
CA THR A 216 2.34 -3.61 -3.06
C THR A 216 2.48 -2.99 -4.45
N SER A 217 3.49 -3.41 -5.20
CA SER A 217 3.65 -2.85 -6.54
C SER A 217 2.71 -3.49 -7.55
N VAL A 218 2.42 -4.78 -7.39
CA VAL A 218 1.70 -5.53 -8.43
C VAL A 218 0.23 -5.74 -8.09
N LEU A 219 -0.45 -6.52 -8.92
CA LEU A 219 -1.85 -6.84 -8.68
C LEU A 219 -1.92 -8.35 -8.45
N PHE A 220 -2.21 -8.74 -7.22
CA PHE A 220 -2.30 -10.16 -6.84
C PHE A 220 -3.71 -10.69 -6.90
N GLY A 221 -3.84 -11.97 -7.25
CA GLY A 221 -5.11 -12.66 -7.17
C GLY A 221 -4.86 -14.15 -7.03
N PRO A 222 -5.91 -14.93 -6.76
CA PRO A 222 -5.78 -16.40 -6.71
C PRO A 222 -5.13 -16.91 -8.01
N SER A 223 -4.20 -17.85 -7.87
CA SER A 223 -3.42 -18.35 -9.01
CA SER A 223 -3.42 -18.34 -9.01
C SER A 223 -4.26 -18.80 -10.20
N SER A 224 -5.32 -19.56 -9.93
CA SER A 224 -6.14 -20.07 -11.03
C SER A 224 -6.72 -18.93 -11.86
N ASP A 225 -7.26 -17.91 -11.19
CA ASP A 225 -7.85 -16.77 -11.90
C ASP A 225 -6.77 -15.97 -12.63
N ILE A 226 -5.63 -15.79 -11.97
CA ILE A 226 -4.56 -14.98 -12.54
C ILE A 226 -4.02 -15.64 -13.80
N LEU A 227 -3.88 -16.97 -13.77
CA LEU A 227 -3.40 -17.68 -14.95
C LEU A 227 -4.34 -17.49 -16.13
N LYS A 228 -5.64 -17.45 -15.86
CA LYS A 228 -6.61 -17.17 -16.91
C LYS A 228 -6.42 -15.77 -17.47
N ILE A 229 -6.08 -14.81 -16.61
CA ILE A 229 -5.81 -13.47 -17.09
C ILE A 229 -4.54 -13.43 -17.96
N GLN A 230 -3.47 -14.08 -17.50
CA GLN A 230 -2.23 -14.09 -18.26
C GLN A 230 -2.49 -14.63 -19.66
N MET A 231 -3.25 -15.71 -19.74
CA MET A 231 -3.55 -16.32 -21.04
C MET A 231 -4.40 -15.38 -21.90
N ALA A 232 -5.39 -14.74 -21.28
CA ALA A 232 -6.26 -13.83 -22.01
C ALA A 232 -5.55 -12.59 -22.53
N ILE A 233 -4.47 -12.16 -21.87
CA ILE A 233 -3.75 -10.98 -22.33
C ILE A 233 -2.59 -11.34 -23.27
N GLY A 234 -2.42 -12.64 -23.50
CA GLY A 234 -1.42 -13.10 -24.45
C GLY A 234 -0.02 -13.15 -23.86
N ALA A 235 0.06 -13.21 -22.54
CA ALA A 235 1.34 -13.32 -21.86
C ALA A 235 1.80 -14.77 -21.78
N THR A 236 3.11 -14.95 -21.71
CA THR A 236 3.71 -16.28 -21.67
C THR A 236 4.66 -16.39 -20.47
N GLU A 237 4.60 -17.51 -19.76
CA GLU A 237 5.48 -17.72 -18.63
C GLU A 237 6.94 -17.81 -19.07
N ASN A 238 7.83 -17.19 -18.30
CA ASN A 238 9.26 -17.30 -18.56
C ASN A 238 9.98 -18.06 -17.46
N ARG A 239 11.30 -18.23 -17.61
CA ARG A 239 12.06 -19.02 -16.65
C ARG A 239 12.25 -18.35 -15.28
N TYR A 240 11.87 -17.08 -15.16
CA TYR A 240 11.94 -16.40 -13.87
C TYR A 240 10.65 -16.64 -13.10
N GLY A 241 9.67 -17.24 -13.76
CA GLY A 241 8.38 -17.50 -13.14
C GLY A 241 7.40 -16.35 -13.34
N GLU A 242 7.83 -15.33 -14.06
CA GLU A 242 6.96 -14.20 -14.39
C GLU A 242 6.36 -14.43 -15.78
N PHE A 243 5.51 -13.50 -16.20
CA PHE A 243 4.84 -13.61 -17.48
C PHE A 243 5.16 -12.40 -18.32
N ASP A 244 5.63 -12.64 -19.55
CA ASP A 244 6.00 -11.52 -20.40
C ASP A 244 5.23 -11.48 -21.72
N VAL A 245 5.29 -10.33 -22.36
CA VAL A 245 4.64 -10.11 -23.63
C VAL A 245 5.60 -9.36 -24.53
N ASN A 246 5.39 -9.47 -25.83
CA ASN A 246 6.13 -8.67 -26.78
C ASN A 246 5.68 -7.23 -26.66
N CYS A 247 6.62 -6.33 -26.39
CA CYS A 247 6.27 -4.92 -26.24
C CYS A 247 5.52 -4.37 -27.45
N GLY A 248 5.78 -4.96 -28.62
CA GLY A 248 5.14 -4.53 -29.85
C GLY A 248 3.66 -4.87 -29.90
N ASN A 249 3.22 -5.71 -28.97
CA ASN A 249 1.83 -6.14 -28.92
C ASN A 249 0.95 -5.31 -27.99
N LEU A 250 1.56 -4.37 -27.27
CA LEU A 250 0.81 -3.57 -26.31
C LEU A 250 -0.33 -2.81 -26.98
N ARG A 251 -0.07 -2.34 -28.20
CA ARG A 251 -1.06 -1.58 -28.96
C ARG A 251 -2.31 -2.40 -29.28
N SER A 252 -2.13 -3.71 -29.40
CA SER A 252 -3.22 -4.57 -29.84
C SER A 252 -3.76 -5.47 -28.73
N MET A 253 -3.25 -5.30 -27.51
CA MET A 253 -3.68 -6.11 -26.38
C MET A 253 -4.98 -5.61 -25.77
N PRO A 254 -5.68 -6.49 -25.03
CA PRO A 254 -7.00 -6.12 -24.51
C PRO A 254 -6.95 -5.35 -23.20
N THR A 255 -8.02 -4.62 -22.93
CA THR A 255 -8.20 -3.96 -21.65
C THR A 255 -8.70 -4.97 -20.64
N VAL A 256 -8.22 -4.87 -19.40
CA VAL A 256 -8.73 -5.74 -18.34
C VAL A 256 -9.63 -4.90 -17.47
N VAL A 257 -10.90 -5.28 -17.38
CA VAL A 257 -11.89 -4.45 -16.71
C VAL A 257 -12.28 -4.99 -15.34
N PHE A 258 -11.92 -4.24 -14.29
CA PHE A 258 -12.40 -4.53 -12.95
C PHE A 258 -13.73 -3.84 -12.74
N GLU A 259 -14.76 -4.62 -12.43
CA GLU A 259 -16.05 -4.04 -12.10
C GLU A 259 -16.22 -3.92 -10.60
N ILE A 260 -16.45 -2.71 -10.12
CA ILE A 260 -16.57 -2.46 -8.70
C ILE A 260 -17.81 -1.63 -8.43
N ASN A 261 -18.68 -2.16 -7.58
CA ASN A 261 -19.97 -1.57 -7.28
C ASN A 261 -20.70 -1.17 -8.56
N GLY A 262 -20.64 -2.07 -9.55
CA GLY A 262 -21.37 -1.89 -10.79
C GLY A 262 -20.79 -0.93 -11.80
N ARG A 263 -19.62 -0.37 -11.51
CA ARG A 263 -18.96 0.52 -12.45
C ARG A 263 -17.67 -0.10 -12.95
N ASP A 264 -17.23 0.32 -14.14
CA ASP A 264 -16.06 -0.26 -14.79
C ASP A 264 -14.77 0.50 -14.50
N TYR A 265 -13.72 -0.25 -14.16
CA TYR A 265 -12.40 0.31 -13.93
C TYR A 265 -11.41 -0.42 -14.83
N PRO A 266 -11.27 0.05 -16.07
CA PRO A 266 -10.39 -0.61 -17.03
C PRO A 266 -8.92 -0.34 -16.74
N LEU A 267 -8.10 -1.34 -16.99
CA LEU A 267 -6.66 -1.18 -17.02
C LEU A 267 -6.19 -1.48 -18.44
N SER A 268 -5.59 -0.47 -19.07
CA SER A 268 -5.00 -0.60 -20.40
C SER A 268 -3.76 -1.49 -20.36
N PRO A 269 -3.33 -2.02 -21.52
CA PRO A 269 -2.09 -2.81 -21.51
C PRO A 269 -0.90 -2.04 -20.93
N SER A 270 -0.79 -0.75 -21.20
CA SER A 270 0.31 0.02 -20.65
C SER A 270 0.22 0.08 -19.13
N ALA A 271 -1.00 0.11 -18.61
CA ALA A 271 -1.19 0.16 -17.16
C ALA A 271 -0.89 -1.17 -16.46
N TYR A 272 -1.22 -2.29 -17.08
CA TYR A 272 -1.06 -3.58 -16.40
C TYR A 272 0.21 -4.33 -16.76
N THR A 273 1.05 -3.71 -17.58
CA THR A 273 2.39 -4.25 -17.86
C THR A 273 3.45 -3.25 -17.44
N SER A 274 4.65 -3.77 -17.19
CA SER A 274 5.81 -2.91 -16.99
C SER A 274 6.71 -3.05 -18.20
N LYS A 275 7.21 -1.92 -18.69
CA LYS A 275 8.15 -1.92 -19.81
C LYS A 275 9.49 -1.37 -19.35
N ASP A 276 10.52 -2.21 -19.38
CA ASP A 276 11.84 -1.82 -18.88
C ASP A 276 12.85 -2.19 -19.95
N GLN A 277 13.38 -1.16 -20.62
CA GLN A 277 14.39 -1.34 -21.66
C GLN A 277 14.00 -2.43 -22.65
N GLY A 278 12.77 -2.33 -23.15
CA GLY A 278 12.29 -3.21 -24.20
C GLY A 278 11.77 -4.57 -23.75
N PHE A 279 11.79 -4.81 -22.45
CA PHE A 279 11.32 -6.07 -21.89
C PHE A 279 10.02 -5.79 -21.13
N CYS A 280 8.93 -6.42 -21.58
CA CYS A 280 7.61 -6.14 -21.01
CA CYS A 280 7.60 -6.14 -21.04
C CYS A 280 7.06 -7.30 -20.20
N THR A 281 6.70 -7.02 -18.96
CA THR A 281 6.19 -8.07 -18.08
C THR A 281 4.78 -7.76 -17.56
N SER A 282 4.03 -8.82 -17.29
CA SER A 282 2.69 -8.68 -16.74
C SER A 282 2.76 -8.24 -15.29
N GLY A 283 1.92 -7.26 -14.95
CA GLY A 283 1.78 -6.81 -13.58
C GLY A 283 0.85 -7.65 -12.72
N PHE A 284 0.26 -8.69 -13.29
CA PHE A 284 -0.54 -9.62 -12.49
C PHE A 284 0.32 -10.73 -11.91
N GLN A 285 0.07 -11.09 -10.67
CA GLN A 285 0.80 -12.16 -10.01
C GLN A 285 -0.15 -13.07 -9.25
N GLY A 286 0.05 -14.37 -9.39
CA GLY A 286 -0.82 -15.33 -8.75
C GLY A 286 -0.35 -15.75 -7.37
N ASP A 287 -1.31 -16.05 -6.51
CA ASP A 287 -1.01 -16.57 -5.19
C ASP A 287 -1.77 -17.89 -4.97
N ASN A 288 -1.03 -18.95 -4.67
CA ASN A 288 -1.63 -20.27 -4.52
C ASN A 288 -2.33 -20.51 -3.18
N ASN A 289 -2.08 -19.62 -2.22
CA ASN A 289 -2.60 -19.83 -0.87
C ASN A 289 -3.52 -18.72 -0.37
N SER A 290 -4.11 -17.97 -1.30
CA SER A 290 -5.03 -16.89 -0.93
C SER A 290 -5.99 -16.53 -2.04
N GLU A 291 -7.25 -16.34 -1.66
CA GLU A 291 -8.29 -15.92 -2.61
C GLU A 291 -8.51 -14.41 -2.59
N LEU A 292 -7.73 -13.70 -1.79
CA LEU A 292 -7.87 -12.25 -1.68
C LEU A 292 -7.17 -11.55 -2.83
N TRP A 293 -7.89 -10.70 -3.55
CA TRP A 293 -7.28 -9.87 -4.58
C TRP A 293 -6.61 -8.66 -3.94
N ILE A 294 -5.40 -8.35 -4.40
CA ILE A 294 -4.67 -7.22 -3.84
C ILE A 294 -4.41 -6.22 -4.94
N LEU A 295 -5.09 -5.09 -4.86
CA LEU A 295 -4.96 -4.07 -5.87
C LEU A 295 -3.88 -3.10 -5.42
N GLY A 296 -2.69 -3.31 -5.96
CA GLY A 296 -1.53 -2.52 -5.57
C GLY A 296 -1.32 -1.37 -6.51
N ASP A 297 -0.07 -0.94 -6.65
CA ASP A 297 0.22 0.25 -7.43
C ASP A 297 -0.22 0.15 -8.89
N VAL A 298 -0.23 -1.06 -9.45
CA VAL A 298 -0.69 -1.24 -10.82
C VAL A 298 -2.08 -0.60 -10.97
N PHE A 299 -2.94 -0.83 -9.98
CA PHE A 299 -4.29 -0.30 -10.01
C PHE A 299 -4.36 1.16 -9.55
N ILE A 300 -3.69 1.46 -8.44
CA ILE A 300 -3.81 2.79 -7.86
C ILE A 300 -3.20 3.90 -8.73
N ARG A 301 -2.16 3.56 -9.50
CA ARG A 301 -1.61 4.51 -10.47
C ARG A 301 -2.66 4.99 -11.46
N GLU A 302 -3.61 4.13 -11.78
CA GLU A 302 -4.67 4.47 -12.74
C GLU A 302 -5.85 5.15 -12.06
N TYR A 303 -6.05 4.86 -10.78
CA TYR A 303 -7.22 5.38 -10.08
C TYR A 303 -6.85 6.05 -8.75
N TYR A 304 -6.95 7.37 -8.74
CA TYR A 304 -6.84 8.17 -7.52
C TYR A 304 -7.76 7.56 -6.48
N SER A 305 -7.24 7.36 -5.27
CA SER A 305 -7.96 6.55 -4.29
C SER A 305 -8.18 7.31 -2.98
N VAL A 306 -9.42 7.34 -2.54
CA VAL A 306 -9.81 8.00 -1.29
C VAL A 306 -10.24 6.96 -0.27
N PHE A 307 -9.70 7.09 0.93
CA PHE A 307 -9.94 6.13 2.01
C PHE A 307 -10.70 6.85 3.10
N ASP A 308 -11.99 6.56 3.20
CA ASP A 308 -12.89 7.36 4.05
C ASP A 308 -13.30 6.55 5.28
N ARG A 309 -12.75 6.92 6.43
CA ARG A 309 -13.08 6.24 7.68
C ARG A 309 -14.43 6.67 8.27
N ALA A 310 -14.84 7.91 8.03
CA ALA A 310 -16.10 8.39 8.61
C ALA A 310 -17.25 7.59 8.07
N ASN A 311 -17.17 7.27 6.77
CA ASN A 311 -18.22 6.57 6.07
C ASN A 311 -17.82 5.17 5.61
N ASN A 312 -16.68 4.67 6.09
CA ASN A 312 -16.22 3.32 5.75
C ASN A 312 -16.43 2.95 4.30
N ARG A 313 -15.75 3.69 3.44
CA ARG A 313 -15.88 3.50 2.01
C ARG A 313 -14.60 3.95 1.34
N VAL A 314 -14.41 3.44 0.12
CA VAL A 314 -13.30 3.80 -0.73
CA VAL A 314 -13.30 3.87 -0.70
C VAL A 314 -13.83 4.58 -1.93
N GLY A 315 -13.15 5.66 -2.29
CA GLY A 315 -13.55 6.44 -3.45
C GLY A 315 -12.54 6.27 -4.55
N LEU A 316 -13.02 6.11 -5.78
CA LEU A 316 -12.13 5.95 -6.92
C LEU A 316 -12.48 6.93 -8.02
N ALA A 317 -11.44 7.52 -8.63
CA ALA A 317 -11.60 8.37 -9.80
C ALA A 317 -10.40 8.19 -10.73
N LYS A 318 -10.60 8.43 -12.02
CA LYS A 318 -9.50 8.31 -12.97
C LYS A 318 -8.40 9.31 -12.65
N ALA A 319 -7.19 8.81 -12.43
CA ALA A 319 -6.06 9.67 -12.07
C ALA A 319 -5.59 10.49 -13.27
N ILE A 320 -5.09 11.69 -13.00
CA ILE A 320 -4.41 12.47 -14.03
C ILE A 320 -3.15 11.75 -14.46
C1 NAG B . 0.30 13.36 26.26
C2 NAG B . -0.36 12.72 27.48
C3 NAG B . 0.12 13.34 28.79
C4 NAG B . 1.65 13.49 28.81
C5 NAG B . 2.11 14.19 27.54
C6 NAG B . 3.63 14.32 27.51
C7 NAG B . -2.58 11.75 27.33
C8 NAG B . -4.07 11.98 27.37
N2 NAG B . -1.80 12.82 27.39
O3 NAG B . -0.29 12.56 29.87
O4 NAG B . 2.05 14.22 29.94
O5 NAG B . 1.70 13.46 26.41
O6 NAG B . 4.02 14.66 26.20
O7 NAG B . -2.14 10.59 27.26
S SO4 C . 23.35 7.04 14.00
O1 SO4 C . 23.76 8.03 13.00
O2 SO4 C . 24.29 5.93 14.01
O3 SO4 C . 23.35 7.68 15.32
O4 SO4 C . 22.01 6.56 13.69
S SO4 D . 26.48 1.89 16.40
O1 SO4 D . 26.47 3.00 15.44
O2 SO4 D . 25.62 0.81 15.92
O3 SO4 D . 27.84 1.39 16.54
O4 SO4 D . 26.00 2.37 17.70
S SO4 E . -21.69 6.22 -7.05
O1 SO4 E . -20.87 6.66 -5.92
O2 SO4 E . -22.74 5.29 -6.59
O3 SO4 E . -22.32 7.38 -7.69
O4 SO4 E . -20.87 5.52 -8.04
S SO4 F . -18.49 13.45 4.48
O1 SO4 F . -19.49 13.59 3.43
O2 SO4 F . -17.25 12.95 3.90
O3 SO4 F . -18.25 14.76 5.10
O4 SO4 F . -18.99 12.54 5.51
S SO4 G . 25.26 3.94 21.97
O1 SO4 G . 24.63 4.43 20.75
O2 SO4 G . 24.47 2.83 22.51
O3 SO4 G . 26.61 3.48 21.66
O4 SO4 G . 25.33 5.02 22.96
S SO4 H . -13.21 16.97 -15.66
O1 SO4 H . -13.74 18.33 -15.75
O2 SO4 H . -12.65 16.58 -16.94
O3 SO4 H . -12.15 16.94 -14.65
O4 SO4 H . -14.27 16.05 -15.28
S SO4 I . -17.47 10.15 -14.91
O1 SO4 I . -17.15 11.32 -15.73
O2 SO4 I . -17.91 9.06 -15.77
O3 SO4 I . -16.29 9.72 -14.18
O4 SO4 I . -18.54 10.49 -13.98
S SO4 J . -0.52 -8.82 18.17
O1 SO4 J . -1.72 -8.46 17.43
O2 SO4 J . 0.55 -9.18 17.23
O3 SO4 J . -0.06 -7.71 18.97
O4 SO4 J . -0.79 -9.97 19.03
S SO4 K . 2.24 -10.81 13.35
O1 SO4 K . 2.85 -10.09 12.24
O2 SO4 K . 1.71 -12.09 12.86
O3 SO4 K . 3.25 -11.05 14.39
O4 SO4 K . 1.14 -10.03 13.90
S SO4 L . -19.68 3.48 -15.52
O1 SO4 L . -19.88 4.15 -16.79
O2 SO4 L . -18.86 2.28 -15.71
O3 SO4 L . -19.02 4.38 -14.58
O4 SO4 L . -20.98 3.08 -14.97
C1 GOL M . -2.15 -10.14 3.31
O1 GOL M . -3.49 -9.74 3.06
C2 GOL M . -1.23 -9.18 2.57
O2 GOL M . -0.83 -9.78 1.36
C3 GOL M . -2.02 -7.91 2.27
O3 GOL M . -1.36 -7.13 1.32
#